data_6I28
#
_entry.id   6I28
#
_cell.length_a   64.690
_cell.length_b   66.720
_cell.length_c   97.960
_cell.angle_alpha   90.000
_cell.angle_beta   90.000
_cell.angle_gamma   90.000
#
_symmetry.space_group_name_H-M   'I 2 2 2'
#
loop_
_entity.id
_entity.type
_entity.pdbx_description
1 polymer 'ORF98 PTP-2'
2 non-polymer GLYCEROL
3 non-polymer 'CALCIUM ION'
4 water water
#
_entity_poly.entity_id   1
_entity_poly.type   'polypeptide(L)'
_entity_poly.pdbx_seq_one_letter_code
;MHHHHHHMYDATRINQDLFVGGFYGDVIAMRHFVRQNNVGCVVSLIDSDVAPIKRALYLPDGDHLHVHCEDDAKCGALAD
NLEMLFNYLWLKIHNEHKTVLIHCHAGVSRSATLAIYYIMRTNQIDYEQAFQYVYGKRAVHPSEHFVELLKGKCVYSYVD
NKLVVRVE
;
_entity_poly.pdbx_strand_id   A
#
loop_
_chem_comp.id
_chem_comp.type
_chem_comp.name
_chem_comp.formula
CA non-polymer 'CALCIUM ION' 'Ca 2'
GOL non-polymer GLYCEROL 'C3 H8 O3'
#
# COMPACT_ATOMS: atom_id res chain seq x y z
N MET A 8 11.97 -16.79 1.82
CA MET A 8 10.65 -16.96 2.46
C MET A 8 10.27 -15.68 3.26
N TYR A 9 10.70 -14.52 2.78
CA TYR A 9 10.10 -13.28 3.27
C TYR A 9 8.63 -13.28 2.86
N ASP A 10 7.75 -12.92 3.79
CA ASP A 10 6.32 -13.06 3.61
C ASP A 10 5.79 -11.78 2.95
N ALA A 11 5.72 -11.85 1.63
CA ALA A 11 5.08 -10.84 0.79
C ALA A 11 4.48 -11.53 -0.43
N THR A 12 3.46 -10.90 -0.99
CA THR A 12 2.67 -11.47 -2.04
C THR A 12 2.53 -10.48 -3.21
N ARG A 13 2.69 -10.98 -4.43
CA ARG A 13 2.39 -10.14 -5.59
C ARG A 13 0.89 -9.96 -5.68
N ILE A 14 0.45 -8.71 -5.69
CA ILE A 14 -0.98 -8.39 -5.79
C ILE A 14 -1.42 -8.19 -7.24
N ASN A 15 -0.66 -7.45 -8.05
CA ASN A 15 -0.88 -7.27 -9.47
C ASN A 15 0.47 -6.97 -10.11
N GLN A 16 0.46 -6.51 -11.37
CA GLN A 16 1.73 -6.31 -12.05
C GLN A 16 2.55 -5.18 -11.44
N ASP A 17 1.94 -4.32 -10.62
CA ASP A 17 2.62 -3.16 -10.06
C ASP A 17 2.96 -3.25 -8.57
N LEU A 18 2.28 -4.11 -7.80
CA LEU A 18 2.27 -4.04 -6.35
C LEU A 18 2.52 -5.39 -5.70
N PHE A 19 3.40 -5.38 -4.69
CA PHE A 19 3.53 -6.39 -3.64
C PHE A 19 3.07 -5.84 -2.29
N VAL A 20 2.50 -6.73 -1.46
CA VAL A 20 2.17 -6.42 -0.07
C VAL A 20 2.78 -7.47 0.86
N GLY A 21 3.39 -7.03 1.94
CA GLY A 21 3.97 -7.96 2.88
C GLY A 21 4.21 -7.35 4.23
N GLY A 22 4.92 -8.11 5.05
CA GLY A 22 5.18 -7.69 6.41
C GLY A 22 6.64 -7.35 6.67
N PHE A 23 7.07 -7.51 7.90
CA PHE A 23 8.47 -7.34 8.29
C PHE A 23 8.63 -8.04 9.63
N TYR A 24 9.64 -8.92 9.73
CA TYR A 24 9.78 -9.78 10.90
C TYR A 24 11.20 -9.76 11.43
N GLY A 25 11.97 -8.74 11.06
CA GLY A 25 13.28 -8.52 11.64
C GLY A 25 14.42 -9.16 10.89
N ASP A 26 14.13 -9.79 9.75
CA ASP A 26 15.15 -10.36 8.88
C ASP A 26 15.22 -9.48 7.64
N VAL A 27 16.09 -8.49 7.67
CA VAL A 27 16.20 -7.65 6.50
C VAL A 27 16.85 -8.39 5.35
N ILE A 28 17.63 -9.44 5.64
CA ILE A 28 18.33 -10.17 4.58
C ILE A 28 17.34 -10.95 3.72
N ALA A 29 16.42 -11.65 4.36
CA ALA A 29 15.31 -12.25 3.62
C ALA A 29 14.56 -11.20 2.79
N MET A 30 14.24 -10.05 3.39
CA MET A 30 13.53 -9.01 2.66
C MET A 30 14.34 -8.52 1.48
N ARG A 31 15.63 -8.26 1.70
CA ARG A 31 16.49 -7.84 0.60
C ARG A 31 16.52 -8.88 -0.51
N HIS A 32 16.61 -10.15 -0.15
CA HIS A 32 16.60 -11.23 -1.14
C HIS A 32 15.31 -11.22 -1.95
N PHE A 33 14.16 -11.01 -1.30
CA PHE A 33 12.89 -10.95 -2.00
C PHE A 33 12.83 -9.75 -2.96
N VAL A 34 13.23 -8.59 -2.47
CA VAL A 34 13.20 -7.37 -3.28
C VAL A 34 14.05 -7.55 -4.55
N ARG A 35 15.30 -8.00 -4.37
CA ARG A 35 16.22 -8.11 -5.51
C ARG A 35 15.80 -9.24 -6.45
N GLN A 36 15.39 -10.39 -5.91
CA GLN A 36 14.97 -11.51 -6.78
C GLN A 36 13.79 -11.14 -7.65
N ASN A 37 12.84 -10.37 -7.12
CA ASN A 37 11.57 -10.05 -7.77
C ASN A 37 11.58 -8.72 -8.51
N ASN A 38 12.74 -8.07 -8.63
CA ASN A 38 12.90 -6.78 -9.32
C ASN A 38 11.99 -5.70 -8.75
N VAL A 39 11.81 -5.71 -7.43
CA VAL A 39 11.04 -4.64 -6.79
C VAL A 39 11.83 -3.35 -6.92
N GLY A 40 11.24 -2.32 -7.49
CA GLY A 40 11.95 -1.09 -7.73
C GLY A 40 11.83 -0.05 -6.64
N CYS A 41 10.85 -0.20 -5.75
CA CYS A 41 10.53 0.81 -4.76
CA CYS A 41 10.51 0.81 -4.75
C CYS A 41 9.84 0.12 -3.59
N VAL A 42 10.05 0.66 -2.42
CA VAL A 42 9.54 0.12 -1.18
C VAL A 42 8.87 1.24 -0.41
N VAL A 43 7.66 1.00 0.08
CA VAL A 43 6.97 1.91 1.00
C VAL A 43 6.86 1.18 2.34
N SER A 44 7.41 1.75 3.35
CA SER A 44 7.45 1.17 4.70
C SER A 44 6.45 1.95 5.56
N LEU A 45 5.40 1.28 5.99
CA LEU A 45 4.36 1.85 6.83
C LEU A 45 4.49 1.17 8.19
N ILE A 46 5.40 1.68 9.01
CA ILE A 46 5.74 1.05 10.27
C ILE A 46 5.89 2.09 11.38
N ASP A 47 5.71 1.60 12.62
CA ASP A 47 5.90 2.39 13.83
C ASP A 47 7.23 2.11 14.49
N SER A 48 8.02 1.16 13.93
CA SER A 48 9.34 0.83 14.42
C SER A 48 10.38 1.64 13.65
N ASP A 49 11.66 1.40 13.95
CA ASP A 49 12.74 2.13 13.31
C ASP A 49 12.95 1.65 11.88
N VAL A 50 12.93 2.60 10.92
CA VAL A 50 13.08 2.23 9.51
C VAL A 50 14.51 2.32 8.96
N ALA A 51 15.41 3.07 9.64
CA ALA A 51 16.76 3.25 9.10
C ALA A 51 17.49 1.94 8.83
N PRO A 52 17.34 0.91 9.65
CA PRO A 52 17.98 -0.38 9.31
C PRO A 52 17.43 -1.01 8.05
N ILE A 53 16.12 -0.89 7.83
CA ILE A 53 15.56 -1.43 6.60
C ILE A 53 16.08 -0.65 5.41
N LYS A 54 16.07 0.69 5.51
CA LYS A 54 16.61 1.52 4.43
C LYS A 54 18.06 1.14 4.15
N ARG A 55 18.86 0.99 5.20
CA ARG A 55 20.27 0.68 5.01
C ARG A 55 20.44 -0.68 4.34
N ALA A 56 19.68 -1.68 4.77
CA ALA A 56 19.92 -3.02 4.25
C ALA A 56 19.47 -3.14 2.81
N LEU A 57 18.33 -2.51 2.47
CA LEU A 57 17.87 -2.55 1.08
C LEU A 57 18.72 -1.67 0.16
N TYR A 58 19.15 -0.52 0.66
CA TYR A 58 20.08 0.35 -0.03
C TYR A 58 19.56 0.78 -1.40
N LEU A 59 18.31 1.19 -1.46
CA LEU A 59 17.76 1.56 -2.75
C LEU A 59 18.19 2.97 -3.08
N PRO A 60 18.09 3.35 -4.35
CA PRO A 60 18.54 4.72 -4.71
C PRO A 60 17.65 5.74 -4.01
N ASP A 61 18.19 6.93 -3.87
N ASP A 61 18.20 6.92 -3.84
CA ASP A 61 17.48 8.01 -3.19
CA ASP A 61 17.48 8.03 -3.24
C ASP A 61 16.16 8.29 -3.88
C ASP A 61 16.13 8.19 -3.92
N GLY A 62 15.08 8.18 -3.12
CA GLY A 62 13.77 8.41 -3.61
C GLY A 62 12.99 7.16 -3.85
N ASP A 63 13.65 6.00 -3.88
CA ASP A 63 12.97 4.73 -4.11
C ASP A 63 12.61 4.01 -2.83
N HIS A 64 12.80 4.63 -1.69
CA HIS A 64 12.37 4.05 -0.42
C HIS A 64 11.73 5.15 0.41
N LEU A 65 10.43 5.05 0.61
CA LEU A 65 9.60 5.97 1.35
C LEU A 65 9.14 5.33 2.65
N HIS A 66 9.16 6.09 3.71
CA HIS A 66 8.70 5.68 5.04
C HIS A 66 7.66 6.68 5.53
N VAL A 67 6.54 6.19 6.03
CA VAL A 67 5.63 6.98 6.85
C VAL A 67 5.51 6.29 8.22
N HIS A 68 5.86 7.00 9.28
CA HIS A 68 5.65 6.51 10.62
C HIS A 68 4.16 6.54 10.96
N CYS A 69 3.57 5.36 11.16
CA CYS A 69 2.14 5.31 11.46
C CYS A 69 1.86 4.04 12.24
N GLU A 70 0.90 4.15 13.14
CA GLU A 70 0.42 3.05 13.96
C GLU A 70 -0.84 2.46 13.33
N ASP A 71 -1.17 1.25 13.78
CA ASP A 71 -2.43 0.59 13.43
C ASP A 71 -3.27 0.72 14.71
N ASP A 72 -3.94 1.84 14.82
CA ASP A 72 -4.62 2.17 16.06
C ASP A 72 -5.65 3.21 15.69
N ALA A 73 -6.88 3.00 16.15
CA ALA A 73 -8.01 3.88 15.80
C ALA A 73 -7.65 5.32 16.14
N LYS A 74 -6.55 5.51 16.83
CA LYS A 74 -6.16 6.83 17.34
C LYS A 74 -5.15 7.53 16.45
N CYS A 75 -4.30 6.77 15.74
CA CYS A 75 -3.32 7.40 14.88
C CYS A 75 -3.97 7.73 13.53
N GLY A 76 -3.96 9.01 13.16
CA GLY A 76 -4.38 9.42 11.84
C GLY A 76 -3.27 9.52 10.81
N ALA A 77 -2.05 9.03 11.12
CA ALA A 77 -0.90 9.32 10.24
C ALA A 77 -1.03 8.70 8.85
N LEU A 78 -1.57 7.49 8.75
CA LEU A 78 -1.76 6.92 7.43
C LEU A 78 -2.80 7.71 6.65
N ALA A 79 -3.92 8.02 7.30
CA ALA A 79 -4.96 8.86 6.69
C ALA A 79 -4.41 10.23 6.33
N ASP A 80 -3.61 10.81 7.22
CA ASP A 80 -3.03 12.12 6.98
C ASP A 80 -2.15 12.13 5.74
N ASN A 81 -1.52 11.00 5.40
CA ASN A 81 -0.56 10.88 4.32
C ASN A 81 -1.11 10.13 3.11
N LEU A 82 -2.42 9.81 3.09
CA LEU A 82 -2.93 8.97 2.02
C LEU A 82 -2.72 9.58 0.64
N GLU A 83 -2.94 10.89 0.52
CA GLU A 83 -2.78 11.56 -0.79
C GLU A 83 -1.33 11.54 -1.25
N MET A 84 -0.40 11.91 -0.37
CA MET A 84 1.03 11.85 -0.70
C MET A 84 1.44 10.42 -1.06
N LEU A 85 0.96 9.44 -0.31
CA LEU A 85 1.33 8.07 -0.60
C LEU A 85 0.79 7.62 -1.95
N PHE A 86 -0.47 7.91 -2.22
CA PHE A 86 -1.02 7.61 -3.53
C PHE A 86 -0.22 8.19 -4.67
N ASN A 87 0.13 9.47 -4.57
CA ASN A 87 0.88 10.15 -5.62
C ASN A 87 2.25 9.57 -5.78
N TYR A 88 2.89 9.18 -4.67
CA TYR A 88 4.17 8.48 -4.76
C TYR A 88 4.04 7.18 -5.56
N LEU A 89 3.03 6.37 -5.21
CA LEU A 89 2.86 5.14 -5.97
C LEU A 89 2.61 5.43 -7.45
N TRP A 90 1.71 6.37 -7.75
CA TRP A 90 1.34 6.68 -9.12
C TRP A 90 2.58 7.13 -9.92
N LEU A 91 3.44 7.94 -9.31
N LEU A 91 3.37 8.04 -9.34
CA LEU A 91 4.58 8.46 -10.06
CA LEU A 91 4.60 8.46 -9.99
C LEU A 91 5.66 7.39 -10.24
C LEU A 91 5.48 7.25 -10.29
N LYS A 92 5.85 6.51 -9.25
CA LYS A 92 6.80 5.41 -9.40
C LYS A 92 6.31 4.39 -10.41
N ILE A 93 5.02 4.09 -10.40
CA ILE A 93 4.50 3.10 -11.31
C ILE A 93 4.43 3.66 -12.74
N HIS A 94 3.77 4.81 -12.92
CA HIS A 94 3.50 5.32 -14.26
C HIS A 94 4.64 6.13 -14.86
N ASN A 95 5.33 6.93 -14.08
CA ASN A 95 6.39 7.75 -14.67
C ASN A 95 7.77 7.10 -14.61
N GLU A 96 8.03 6.28 -13.60
CA GLU A 96 9.32 5.65 -13.48
C GLU A 96 9.24 4.14 -13.65
N HIS A 97 8.08 3.60 -13.97
CA HIS A 97 7.89 2.17 -14.38
C HIS A 97 8.48 1.13 -13.41
N LYS A 98 8.33 1.36 -12.12
CA LYS A 98 8.82 0.50 -11.07
C LYS A 98 7.65 -0.25 -10.46
N THR A 99 7.95 -1.45 -9.98
CA THR A 99 7.04 -2.18 -9.10
C THR A 99 7.30 -1.74 -7.65
N VAL A 100 6.28 -1.86 -6.81
CA VAL A 100 6.37 -1.33 -5.45
C VAL A 100 6.04 -2.44 -4.46
N LEU A 101 6.89 -2.59 -3.44
CA LEU A 101 6.59 -3.39 -2.27
C LEU A 101 6.08 -2.42 -1.20
N ILE A 102 4.83 -2.58 -0.78
CA ILE A 102 4.25 -1.88 0.36
C ILE A 102 4.22 -2.85 1.55
N HIS A 103 4.85 -2.48 2.65
CA HIS A 103 4.94 -3.39 3.78
C HIS A 103 4.67 -2.66 5.10
N CYS A 104 4.17 -3.42 6.05
CA CYS A 104 4.08 -3.03 7.45
C CYS A 104 4.73 -4.13 8.26
N HIS A 105 4.10 -4.56 9.36
CA HIS A 105 4.66 -5.66 10.16
C HIS A 105 4.06 -7.01 9.81
N ALA A 106 2.75 -7.08 9.59
CA ALA A 106 2.06 -8.32 9.26
C ALA A 106 1.59 -8.39 7.82
N GLY A 107 1.63 -7.28 7.10
CA GLY A 107 1.13 -7.27 5.75
C GLY A 107 -0.35 -7.58 5.58
N VAL A 108 -1.18 -7.29 6.58
CA VAL A 108 -2.62 -7.56 6.47
C VAL A 108 -3.49 -6.34 6.71
N SER A 109 -2.98 -5.24 7.28
CA SER A 109 -3.83 -4.10 7.62
C SER A 109 -3.26 -2.77 7.10
N ARG A 110 -2.18 -2.24 7.70
CA ARG A 110 -1.65 -0.96 7.22
C ARG A 110 -1.31 -1.02 5.73
N SER A 111 -0.37 -1.91 5.36
CA SER A 111 0.08 -2.00 3.96
C SER A 111 -1.08 -2.36 3.04
N ALA A 112 -1.94 -3.29 3.50
CA ALA A 112 -3.07 -3.71 2.69
C ALA A 112 -4.03 -2.55 2.42
N THR A 113 -4.19 -1.66 3.40
CA THR A 113 -5.05 -0.49 3.25
C THR A 113 -4.57 0.40 2.11
N LEU A 114 -3.26 0.69 2.05
CA LEU A 114 -2.77 1.51 0.95
C LEU A 114 -2.89 0.82 -0.40
N ALA A 115 -2.58 -0.48 -0.47
CA ALA A 115 -2.74 -1.22 -1.72
C ALA A 115 -4.17 -1.18 -2.21
N ILE A 116 -5.12 -1.39 -1.31
CA ILE A 116 -6.53 -1.42 -1.68
C ILE A 116 -6.93 -0.04 -2.19
N TYR A 117 -6.45 1.02 -1.54
CA TYR A 117 -6.82 2.36 -1.94
C TYR A 117 -6.23 2.70 -3.30
N TYR A 118 -4.96 2.35 -3.53
CA TYR A 118 -4.40 2.50 -4.86
C TYR A 118 -5.23 1.83 -5.92
N ILE A 119 -5.77 0.62 -5.65
CA ILE A 119 -6.58 -0.06 -6.66
C ILE A 119 -7.97 0.57 -6.79
N MET A 120 -8.59 0.98 -5.67
CA MET A 120 -9.85 1.70 -5.71
C MET A 120 -9.74 2.95 -6.56
N ARG A 121 -8.65 3.68 -6.43
CA ARG A 121 -8.61 4.97 -7.06
C ARG A 121 -8.13 4.92 -8.51
N THR A 122 -7.20 4.04 -8.83
CA THR A 122 -6.77 3.90 -10.22
C THR A 122 -7.84 3.19 -11.06
N ASN A 123 -8.67 2.37 -10.46
CA ASN A 123 -9.72 1.67 -11.19
C ASN A 123 -11.09 2.30 -11.01
N GLN A 124 -11.22 3.26 -10.09
CA GLN A 124 -12.49 3.86 -9.74
C GLN A 124 -13.50 2.76 -9.43
N ILE A 125 -13.16 1.96 -8.41
CA ILE A 125 -14.03 0.90 -7.92
C ILE A 125 -14.12 1.03 -6.40
N ASP A 126 -15.18 0.48 -5.81
CA ASP A 126 -15.41 0.73 -4.39
C ASP A 126 -14.58 -0.19 -3.51
N TYR A 127 -14.68 0.00 -2.19
CA TYR A 127 -13.84 -0.75 -1.28
C TYR A 127 -14.06 -2.25 -1.40
N GLU A 128 -15.31 -2.68 -1.38
CA GLU A 128 -15.57 -4.13 -1.35
C GLU A 128 -15.02 -4.81 -2.60
N GLN A 129 -15.16 -4.17 -3.77
CA GLN A 129 -14.60 -4.75 -4.99
C GLN A 129 -13.07 -4.79 -4.94
N ALA A 130 -12.43 -3.69 -4.53
CA ALA A 130 -10.99 -3.74 -4.45
C ALA A 130 -10.52 -4.69 -3.37
N PHE A 131 -11.22 -4.76 -2.24
CA PHE A 131 -10.79 -5.63 -1.17
C PHE A 131 -10.83 -7.07 -1.63
N GLN A 132 -11.94 -7.49 -2.24
CA GLN A 132 -11.98 -8.86 -2.73
C GLN A 132 -10.87 -9.17 -3.73
N TYR A 133 -10.57 -8.24 -4.65
CA TYR A 133 -9.46 -8.50 -5.58
C TYR A 133 -8.17 -8.76 -4.82
N VAL A 134 -7.81 -7.86 -3.90
CA VAL A 134 -6.57 -8.05 -3.15
C VAL A 134 -6.62 -9.31 -2.30
N TYR A 135 -7.78 -9.62 -1.70
CA TYR A 135 -7.90 -10.73 -0.77
C TYR A 135 -7.76 -12.06 -1.51
N GLY A 136 -8.17 -12.08 -2.77
CA GLY A 136 -7.94 -13.24 -3.61
C GLY A 136 -6.48 -13.59 -3.82
N LYS A 137 -5.55 -12.61 -3.68
CA LYS A 137 -4.13 -12.91 -3.82
C LYS A 137 -3.42 -13.05 -2.48
N ARG A 138 -3.90 -12.37 -1.45
CA ARG A 138 -3.30 -12.43 -0.12
C ARG A 138 -4.41 -12.16 0.86
N ALA A 139 -4.63 -13.07 1.80
CA ALA A 139 -5.63 -12.85 2.85
C ALA A 139 -5.25 -11.61 3.63
N VAL A 140 -6.01 -10.54 3.50
CA VAL A 140 -5.77 -9.30 4.24
C VAL A 140 -6.99 -9.03 5.11
N HIS A 141 -6.82 -8.16 6.09
CA HIS A 141 -7.87 -7.85 7.05
C HIS A 141 -7.63 -6.46 7.63
N PRO A 142 -7.99 -5.41 6.90
CA PRO A 142 -7.79 -4.05 7.41
C PRO A 142 -8.59 -3.81 8.67
N SER A 143 -7.96 -3.16 9.63
CA SER A 143 -8.69 -2.78 10.83
C SER A 143 -9.93 -1.96 10.48
N GLU A 144 -10.91 -2.02 11.38
CA GLU A 144 -12.19 -1.37 11.09
C GLU A 144 -12.03 0.10 10.72
N HIS A 145 -11.16 0.82 11.43
CA HIS A 145 -11.04 2.25 11.13
C HIS A 145 -10.39 2.50 9.76
N PHE A 146 -9.55 1.58 9.30
CA PHE A 146 -9.04 1.72 7.92
C PHE A 146 -10.15 1.42 6.91
N VAL A 147 -11.04 0.46 7.21
CA VAL A 147 -12.19 0.20 6.34
C VAL A 147 -13.07 1.43 6.21
N GLU A 148 -13.33 2.11 7.33
CA GLU A 148 -14.14 3.33 7.23
C GLU A 148 -13.37 4.44 6.51
N LEU A 149 -12.06 4.52 6.68
CA LEU A 149 -11.27 5.52 5.96
C LEU A 149 -11.45 5.38 4.46
N LEU A 150 -11.32 4.14 3.95
CA LEU A 150 -11.36 3.87 2.52
C LEU A 150 -12.76 4.05 1.96
N LYS A 151 -13.76 3.52 2.67
CA LYS A 151 -15.15 3.75 2.29
C LYS A 151 -15.46 5.25 2.25
N GLY A 152 -14.87 6.01 3.18
CA GLY A 152 -15.08 7.45 3.19
C GLY A 152 -14.50 8.18 2.00
N LYS A 153 -13.63 7.54 1.21
CA LYS A 153 -13.13 8.12 -0.02
C LYS A 153 -14.07 7.92 -1.20
N CYS A 154 -15.13 7.14 -1.04
CA CYS A 154 -16.03 6.85 -2.14
C CYS A 154 -17.27 7.74 -2.05
N VAL A 155 -17.62 8.37 -3.15
N VAL A 155 -17.60 8.38 -3.15
CA VAL A 155 -18.82 9.20 -3.23
CA VAL A 155 -18.80 9.18 -3.28
C VAL A 155 -19.76 8.58 -4.26
C VAL A 155 -19.74 8.48 -4.24
N TYR A 156 -21.02 8.44 -3.89
CA TYR A 156 -22.01 7.86 -4.78
C TYR A 156 -22.91 8.98 -5.23
N SER A 157 -23.00 9.17 -6.55
CA SER A 157 -23.74 10.28 -7.13
C SER A 157 -24.81 9.74 -8.05
N TYR A 158 -25.97 10.38 -7.99
CA TYR A 158 -27.09 9.98 -8.81
C TYR A 158 -26.97 10.58 -10.20
N VAL A 159 -27.09 9.76 -11.23
CA VAL A 159 -27.21 10.27 -12.60
C VAL A 159 -27.93 9.22 -13.44
N ASP A 160 -28.92 9.66 -14.22
CA ASP A 160 -29.62 8.82 -15.19
C ASP A 160 -30.05 7.50 -14.56
N ASN A 161 -30.70 7.62 -13.40
CA ASN A 161 -31.29 6.48 -12.70
C ASN A 161 -30.25 5.46 -12.29
N LYS A 162 -29.02 5.91 -12.05
CA LYS A 162 -27.99 5.06 -11.47
C LYS A 162 -27.27 5.80 -10.38
N LEU A 163 -26.64 5.05 -9.48
CA LEU A 163 -25.64 5.60 -8.58
C LEU A 163 -24.29 5.19 -9.13
N VAL A 164 -23.44 6.20 -9.46
CA VAL A 164 -22.09 6.02 -9.99
C VAL A 164 -21.15 6.29 -8.83
N VAL A 165 -20.20 5.46 -8.65
CA VAL A 165 -19.18 5.66 -7.62
C VAL A 165 -18.02 6.46 -8.18
N ARG A 166 -17.53 7.41 -7.39
CA ARG A 166 -16.27 8.10 -7.68
C ARG A 166 -15.36 7.89 -6.48
N VAL A 167 -14.13 7.49 -6.73
CA VAL A 167 -13.16 7.35 -5.66
C VAL A 167 -12.25 8.56 -5.66
N GLU A 168 -12.28 9.29 -4.56
CA GLU A 168 -11.46 10.46 -4.35
C GLU A 168 -10.11 10.12 -3.74
C1 GOL B . -9.06 -5.01 -10.42
O1 GOL B . -10.15 -4.69 -11.24
C2 GOL B . -7.72 -4.46 -11.03
O2 GOL B . -7.42 -5.04 -12.24
C3 GOL B . -6.64 -4.77 -9.95
O3 GOL B . -5.34 -4.72 -10.55
H11 GOL B . -8.98 -5.98 -10.30
H12 GOL B . -9.16 -4.65 -9.53
H2 GOL B . -7.79 -3.50 -11.20
HO2 GOL B . -6.59 -5.23 -12.23
H31 GOL B . -6.84 -5.63 -9.56
H32 GOL B . -6.74 -4.12 -9.23
HO3 GOL B . -5.04 -5.52 -10.56
CA CA C . 1.24 -4.70 11.30
#